data_3MIU
#
_entry.id   3MIU
#
_cell.length_a   80.911
_cell.length_b   80.911
_cell.length_c   147.405
_cell.angle_alpha   90.00
_cell.angle_beta   90.00
_cell.angle_gamma   120.00
#
_symmetry.space_group_name_H-M   'P 32 2 1'
#
loop_
_entity.id
_entity.type
_entity.pdbx_description
1 polymer Lectin
2 branched alpha-D-mannopyranose-(1-3)-alpha-D-mannopyranose
3 non-polymer alpha-D-mannopyranose
4 non-polymer HEXANE-1,6-DIOL
5 non-polymer 'ZINC ION'
6 water water
#
_entity_poly.entity_id   1
_entity_poly.type   'polypeptide(L)'
_entity_poly.pdbx_seq_one_letter_code
;MNGAIKVGAWGGNGGSAFDMGPAYRIISVKIFSGDVVDAVDVTFTYYGKTETRHFGGSGGTPHEIVLQEGEYLVGMKGEF
GNYHGVVVVGKLGFSTNKKSYGPFGNTGGTPFSLPIAAGKISGFFGRGGDFIDAIGVYLEP
;
_entity_poly.pdbx_strand_id   A,B
#
loop_
_chem_comp.id
_chem_comp.type
_chem_comp.name
_chem_comp.formula
HEZ non-polymer HEXANE-1,6-DIOL 'C6 H14 O2'
MAN D-saccharide, alpha linking alpha-D-mannopyranose 'C6 H12 O6'
ZN non-polymer 'ZINC ION' 'Zn 2'
#
# COMPACT_ATOMS: atom_id res chain seq x y z
N ALA A 4 -0.70 -15.95 3.53
CA ALA A 4 -1.40 -14.92 2.69
C ALA A 4 -1.06 -13.48 3.11
N ILE A 5 -0.92 -12.63 2.09
CA ILE A 5 -0.62 -11.23 2.30
C ILE A 5 -1.79 -10.44 1.75
N LYS A 6 -2.56 -9.87 2.68
CA LYS A 6 -3.70 -9.05 2.32
C LYS A 6 -3.47 -7.63 2.82
N VAL A 7 -3.58 -6.70 1.89
CA VAL A 7 -3.29 -5.30 2.10
C VAL A 7 -4.52 -4.46 1.71
N GLY A 8 -4.87 -3.47 2.54
CA GLY A 8 -6.15 -2.77 2.42
C GLY A 8 -7.14 -3.28 3.46
N ALA A 9 -8.45 -3.06 3.29
CA ALA A 9 -9.05 -2.38 2.13
C ALA A 9 -9.09 -0.87 2.32
N TRP A 10 -9.11 -0.13 1.20
CA TRP A 10 -9.23 1.32 1.22
C TRP A 10 -10.67 1.68 0.84
N GLY A 11 -11.28 2.55 1.62
CA GLY A 11 -12.64 2.97 1.37
C GLY A 11 -13.49 3.04 2.62
N GLY A 12 -14.79 2.81 2.47
CA GLY A 12 -15.74 2.90 3.58
C GLY A 12 -16.13 1.58 4.17
N ASN A 13 -17.10 1.63 5.09
CA ASN A 13 -17.57 0.46 5.81
C ASN A 13 -18.98 0.03 5.38
N GLY A 14 -19.56 0.76 4.43
CA GLY A 14 -20.85 0.40 3.86
C GLY A 14 -20.75 -0.85 3.00
N GLY A 15 -21.90 -1.31 2.50
CA GLY A 15 -21.95 -2.48 1.62
C GLY A 15 -21.68 -3.80 2.32
N SER A 16 -21.62 -4.86 1.52
CA SER A 16 -21.38 -6.21 2.00
C SER A 16 -19.94 -6.60 1.71
N ALA A 17 -19.33 -7.35 2.62
CA ALA A 17 -17.96 -7.81 2.43
C ALA A 17 -17.84 -8.80 1.26
N PHE A 18 -16.83 -8.61 0.41
CA PHE A 18 -16.50 -9.61 -0.60
C PHE A 18 -15.03 -10.01 -0.48
N ASP A 19 -14.75 -11.22 -0.96
CA ASP A 19 -13.40 -11.77 -0.91
C ASP A 19 -13.30 -12.83 -1.99
N MET A 20 -12.54 -12.54 -3.04
CA MET A 20 -12.40 -13.55 -4.10
C MET A 20 -11.31 -14.56 -3.82
N GLY A 21 -10.45 -14.26 -2.84
CA GLY A 21 -9.27 -15.08 -2.57
C GLY A 21 -8.20 -14.83 -3.62
N PRO A 22 -7.01 -15.44 -3.45
CA PRO A 22 -5.94 -15.32 -4.44
C PRO A 22 -6.20 -16.22 -5.65
N ALA A 23 -5.75 -15.80 -6.81
CA ALA A 23 -5.94 -16.55 -8.05
C ALA A 23 -4.61 -17.08 -8.53
N TYR A 24 -4.64 -18.00 -9.48
CA TYR A 24 -3.40 -18.39 -10.15
C TYR A 24 -2.89 -17.27 -11.06
N ARG A 25 -3.81 -16.58 -11.72
CA ARG A 25 -3.50 -15.62 -12.78
C ARG A 25 -4.71 -14.73 -13.00
N ILE A 26 -4.52 -13.41 -12.93
CA ILE A 26 -5.60 -12.50 -13.29
C ILE A 26 -5.66 -12.43 -14.82
N ILE A 27 -6.83 -12.74 -15.38
CA ILE A 27 -7.00 -12.68 -16.81
C ILE A 27 -7.36 -11.25 -17.21
N SER A 28 -8.36 -10.68 -16.56
CA SER A 28 -8.80 -9.34 -16.88
C SER A 28 -9.49 -8.68 -15.70
N VAL A 29 -9.43 -7.35 -15.68
CA VAL A 29 -10.16 -6.55 -14.70
C VAL A 29 -10.98 -5.52 -15.45
N LYS A 30 -12.30 -5.60 -15.25
CA LYS A 30 -13.24 -4.67 -15.86
C LYS A 30 -13.72 -3.69 -14.80
N ILE A 31 -13.42 -2.41 -14.99
CA ILE A 31 -13.82 -1.37 -14.05
C ILE A 31 -14.99 -0.58 -14.59
N PHE A 32 -16.13 -0.69 -13.90
CA PHE A 32 -17.33 0.08 -14.20
C PHE A 32 -17.33 1.36 -13.36
N SER A 33 -17.37 2.51 -14.03
CA SER A 33 -17.40 3.78 -13.30
C SER A 33 -18.17 4.86 -14.02
N GLY A 34 -18.63 5.84 -13.22
CA GLY A 34 -19.23 7.04 -13.74
C GLY A 34 -18.62 8.19 -12.97
N ASP A 35 -19.43 8.83 -12.13
CA ASP A 35 -18.98 9.80 -11.14
C ASP A 35 -18.07 9.12 -10.16
N VAL A 36 -18.37 7.85 -9.90
CA VAL A 36 -17.77 7.05 -8.85
C VAL A 36 -17.46 5.67 -9.42
N VAL A 37 -16.60 4.90 -8.76
CA VAL A 37 -16.38 3.52 -9.18
C VAL A 37 -17.56 2.64 -8.73
N ASP A 38 -18.34 2.17 -9.70
CA ASP A 38 -19.54 1.39 -9.42
C ASP A 38 -19.23 -0.05 -9.08
N ALA A 39 -18.26 -0.62 -9.79
CA ALA A 39 -18.01 -2.05 -9.69
C ALA A 39 -16.78 -2.51 -10.45
N VAL A 40 -16.47 -3.78 -10.27
CA VAL A 40 -15.33 -4.42 -10.88
C VAL A 40 -15.72 -5.84 -11.26
N ASP A 41 -15.36 -6.25 -12.48
CA ASP A 41 -15.39 -7.66 -12.87
C ASP A 41 -13.98 -8.18 -12.92
N VAL A 42 -13.70 -9.27 -12.21
CA VAL A 42 -12.38 -9.88 -12.25
C VAL A 42 -12.52 -11.27 -12.83
N THR A 43 -11.82 -11.52 -13.94
CA THR A 43 -11.79 -12.85 -14.55
C THR A 43 -10.39 -13.42 -14.27
N PHE A 44 -10.34 -14.70 -13.89
CA PHE A 44 -9.10 -15.30 -13.41
C PHE A 44 -9.12 -16.82 -13.53
N THR A 45 -7.95 -17.44 -13.38
CA THR A 45 -7.89 -18.88 -13.34
C THR A 45 -7.67 -19.38 -11.91
N TYR A 46 -8.19 -20.57 -11.64
CA TYR A 46 -8.21 -21.13 -10.31
C TYR A 46 -8.26 -22.64 -10.44
N TYR A 47 -7.12 -23.27 -10.16
CA TYR A 47 -7.00 -24.72 -10.13
C TYR A 47 -7.61 -25.37 -11.36
N GLY A 48 -7.30 -24.75 -12.51
CA GLY A 48 -7.63 -25.29 -13.81
C GLY A 48 -8.97 -24.81 -14.31
N LYS A 49 -9.64 -23.97 -13.51
CA LYS A 49 -10.92 -23.40 -13.86
C LYS A 49 -10.76 -21.92 -14.12
N THR A 50 -11.56 -21.39 -15.03
CA THR A 50 -11.58 -19.96 -15.25
C THR A 50 -12.92 -19.39 -14.75
N GLU A 51 -12.83 -18.32 -13.96
CA GLU A 51 -13.93 -17.82 -13.15
C GLU A 51 -14.07 -16.32 -13.33
N THR A 52 -15.29 -15.81 -13.16
CA THR A 52 -15.51 -14.38 -13.13
C THR A 52 -16.31 -14.00 -11.89
N ARG A 53 -15.89 -12.94 -11.21
CA ARG A 53 -16.65 -12.42 -10.08
C ARG A 53 -17.01 -10.96 -10.28
N HIS A 54 -18.24 -10.63 -9.93
CA HIS A 54 -18.67 -9.23 -9.93
C HIS A 54 -18.70 -8.68 -8.52
N PHE A 55 -17.99 -7.59 -8.30
CA PHE A 55 -18.06 -6.86 -7.04
C PHE A 55 -18.59 -5.46 -7.28
N GLY A 56 -19.63 -5.08 -6.53
CA GLY A 56 -20.24 -3.76 -6.67
C GLY A 56 -21.58 -3.82 -7.38
N GLY A 57 -21.96 -2.70 -8.00
CA GLY A 57 -23.25 -2.57 -8.68
C GLY A 57 -23.19 -2.54 -10.20
N SER A 58 -24.33 -2.21 -10.83
CA SER A 58 -24.46 -2.34 -12.29
C SER A 58 -24.40 -1.02 -13.07
N GLY A 59 -24.15 0.07 -12.35
CA GLY A 59 -23.98 1.38 -12.97
C GLY A 59 -22.62 1.52 -13.60
N GLY A 60 -22.42 2.62 -14.33
CA GLY A 60 -21.10 2.96 -14.86
C GLY A 60 -20.80 2.45 -16.25
N THR A 61 -19.72 2.98 -16.82
CA THR A 61 -19.15 2.52 -18.08
C THR A 61 -17.93 1.66 -17.79
N PRO A 62 -17.84 0.48 -18.43
CA PRO A 62 -16.70 -0.42 -18.23
C PRO A 62 -15.42 -0.05 -19.00
N HIS A 63 -14.27 -0.28 -18.36
CA HIS A 63 -12.96 -0.19 -18.99
C HIS A 63 -12.17 -1.45 -18.70
N GLU A 64 -11.94 -2.27 -19.74
CA GLU A 64 -11.22 -3.53 -19.60
C GLU A 64 -9.71 -3.35 -19.52
N ILE A 65 -9.11 -3.91 -18.48
CA ILE A 65 -7.69 -4.22 -18.46
C ILE A 65 -7.56 -5.71 -18.73
N VAL A 66 -7.11 -6.05 -19.93
CA VAL A 66 -6.85 -7.44 -20.29
C VAL A 66 -5.34 -7.66 -20.19
N LEU A 67 -4.94 -8.64 -19.41
CA LEU A 67 -3.52 -8.91 -19.20
C LEU A 67 -2.95 -9.84 -20.27
N GLN A 68 -1.90 -9.40 -20.94
CA GLN A 68 -1.22 -10.19 -21.97
C GLN A 68 -0.22 -11.17 -21.33
N GLU A 69 0.54 -11.85 -22.19
CA GLU A 69 1.54 -12.85 -21.75
C GLU A 69 2.57 -12.25 -20.79
N GLY A 70 2.71 -12.88 -19.62
CA GLY A 70 3.65 -12.43 -18.60
C GLY A 70 3.49 -10.98 -18.16
N GLU A 71 2.27 -10.46 -18.26
CA GLU A 71 1.92 -9.15 -17.77
C GLU A 71 1.18 -9.36 -16.46
N TYR A 72 1.56 -8.60 -15.42
N TYR A 72 1.52 -8.58 -15.44
CA TYR A 72 0.96 -8.73 -14.10
CA TYR A 72 0.88 -8.74 -14.13
C TYR A 72 0.57 -7.36 -13.53
C TYR A 72 0.66 -7.40 -13.44
N LEU A 73 -0.35 -7.36 -12.58
CA LEU A 73 -0.72 -6.15 -11.87
C LEU A 73 0.29 -5.80 -10.78
N VAL A 74 0.97 -4.67 -10.94
CA VAL A 74 2.02 -4.23 -10.01
C VAL A 74 1.72 -2.89 -9.35
N GLY A 75 0.50 -2.40 -9.50
CA GLY A 75 0.12 -1.15 -8.85
C GLY A 75 -1.38 -0.96 -8.79
N MET A 76 -1.83 -0.37 -7.69
CA MET A 76 -3.21 0.06 -7.53
C MET A 76 -3.23 1.40 -6.82
N LYS A 77 -4.09 2.28 -7.29
CA LYS A 77 -4.24 3.59 -6.69
C LYS A 77 -5.65 4.11 -6.95
N GLY A 78 -6.12 4.99 -6.07
CA GLY A 78 -7.38 5.67 -6.29
C GLY A 78 -7.65 6.69 -5.22
N GLU A 79 -8.91 7.08 -5.12
CA GLU A 79 -9.36 7.98 -4.07
C GLU A 79 -10.71 7.51 -3.56
N PHE A 80 -10.93 7.66 -2.26
CA PHE A 80 -12.22 7.37 -1.66
C PHE A 80 -12.79 8.61 -0.98
N GLY A 81 -14.11 8.73 -0.99
CA GLY A 81 -14.77 9.84 -0.31
C GLY A 81 -16.27 9.68 -0.19
N ASN A 82 -16.87 10.58 0.59
CA ASN A 82 -18.31 10.62 0.79
C ASN A 82 -18.97 11.09 -0.50
N TYR A 83 -19.81 10.24 -1.07
CA TYR A 83 -20.53 10.54 -2.29
C TYR A 83 -22.01 10.39 -1.99
N HIS A 84 -22.66 11.53 -1.77
CA HIS A 84 -24.09 11.57 -1.41
C HIS A 84 -24.47 10.54 -0.34
N GLY A 85 -23.64 10.44 0.70
CA GLY A 85 -24.01 9.67 1.89
C GLY A 85 -23.21 8.41 2.19
N VAL A 86 -22.43 7.94 1.21
CA VAL A 86 -21.64 6.74 1.42
C VAL A 86 -20.18 6.93 1.01
N VAL A 87 -19.28 6.46 1.86
CA VAL A 87 -17.84 6.46 1.59
C VAL A 87 -17.49 5.36 0.58
N VAL A 88 -17.21 5.77 -0.66
CA VAL A 88 -16.96 4.83 -1.76
C VAL A 88 -15.67 5.18 -2.50
N VAL A 89 -15.17 4.23 -3.29
CA VAL A 89 -14.03 4.49 -4.15
C VAL A 89 -14.49 5.42 -5.29
N GLY A 90 -14.04 6.67 -5.27
CA GLY A 90 -14.44 7.64 -6.28
C GLY A 90 -13.57 7.64 -7.52
N LYS A 91 -12.33 7.19 -7.37
CA LYS A 91 -11.39 7.04 -8.48
C LYS A 91 -10.63 5.75 -8.25
N LEU A 92 -10.36 4.99 -9.31
CA LEU A 92 -9.61 3.73 -9.21
C LEU A 92 -8.73 3.53 -10.44
N GLY A 93 -7.52 3.02 -10.21
CA GLY A 93 -6.55 2.84 -11.29
C GLY A 93 -5.61 1.68 -11.01
N PHE A 94 -5.02 1.14 -12.07
CA PHE A 94 -4.09 0.04 -11.92
C PHE A 94 -2.89 0.25 -12.82
N SER A 95 -1.77 -0.37 -12.46
CA SER A 95 -0.66 -0.43 -13.41
C SER A 95 -0.12 -1.85 -13.51
N THR A 96 0.25 -2.22 -14.73
CA THR A 96 0.90 -3.50 -14.98
C THR A 96 2.39 -3.24 -15.15
N ASN A 97 3.15 -4.29 -15.45
CA ASN A 97 4.57 -4.13 -15.72
C ASN A 97 4.82 -3.46 -17.05
N LYS A 98 3.80 -3.43 -17.91
CA LYS A 98 3.92 -2.88 -19.26
C LYS A 98 3.37 -1.45 -19.41
N LYS A 99 2.25 -1.17 -18.74
CA LYS A 99 1.63 0.17 -18.78
C LYS A 99 0.68 0.44 -17.62
N SER A 100 0.17 1.66 -17.55
CA SER A 100 -0.81 2.02 -16.52
C SER A 100 -2.19 2.33 -17.09
N TYR A 101 -3.21 2.17 -16.23
CA TYR A 101 -4.61 2.27 -16.63
C TYR A 101 -5.41 3.24 -15.78
N GLY A 102 -6.21 4.06 -16.45
CA GLY A 102 -7.06 5.04 -15.78
C GLY A 102 -6.27 6.19 -15.21
N PRO A 103 -6.65 6.66 -14.00
CA PRO A 103 -7.69 6.04 -13.19
C PRO A 103 -9.10 6.39 -13.65
N PHE A 104 -10.08 5.59 -13.22
CA PHE A 104 -11.47 5.71 -13.65
C PHE A 104 -12.35 6.18 -12.50
N GLY A 105 -13.29 7.07 -12.83
CA GLY A 105 -14.12 7.75 -11.84
C GLY A 105 -13.74 9.20 -11.81
N ASN A 106 -14.70 10.06 -11.47
CA ASN A 106 -14.53 11.52 -11.52
C ASN A 106 -14.75 12.25 -10.19
N THR A 107 -14.79 11.49 -9.09
CA THR A 107 -14.97 12.06 -7.76
C THR A 107 -13.72 11.91 -6.91
N GLY A 108 -13.07 13.03 -6.62
CA GLY A 108 -11.89 13.07 -5.78
C GLY A 108 -12.20 12.87 -4.31
N GLY A 109 -11.16 12.56 -3.53
CA GLY A 109 -11.28 12.36 -2.10
C GLY A 109 -9.91 12.10 -1.52
N THR A 110 -9.86 11.31 -0.44
CA THR A 110 -8.61 10.90 0.17
C THR A 110 -7.91 9.91 -0.75
N PRO A 111 -6.70 10.25 -1.21
CA PRO A 111 -5.94 9.34 -2.05
C PRO A 111 -5.29 8.20 -1.29
N PHE A 112 -5.09 7.10 -2.00
CA PHE A 112 -4.30 5.98 -1.55
C PHE A 112 -3.52 5.46 -2.77
N SER A 113 -2.38 4.84 -2.53
CA SER A 113 -1.54 4.37 -3.62
C SER A 113 -0.81 3.15 -3.14
N LEU A 114 -0.79 2.10 -3.95
CA LEU A 114 -0.04 0.89 -3.62
C LEU A 114 0.94 0.49 -4.72
N PRO A 115 2.14 1.09 -4.72
CA PRO A 115 3.13 0.64 -5.70
C PRO A 115 3.75 -0.67 -5.23
N ILE A 116 3.91 -1.62 -6.14
CA ILE A 116 4.49 -2.89 -5.78
C ILE A 116 5.85 -3.03 -6.46
N ALA A 117 6.91 -2.80 -5.69
CA ALA A 117 8.28 -2.85 -6.22
C ALA A 117 8.68 -4.27 -6.58
N ALA A 118 8.23 -5.24 -5.79
CA ALA A 118 8.43 -6.68 -6.07
C ALA A 118 7.20 -7.46 -5.64
N GLY A 119 6.77 -8.39 -6.48
CA GLY A 119 5.49 -9.07 -6.29
C GLY A 119 4.40 -8.57 -7.21
N LYS A 120 3.19 -9.09 -7.03
CA LYS A 120 2.09 -8.78 -7.92
C LYS A 120 0.76 -8.92 -7.22
N ILE A 121 -0.27 -8.30 -7.78
CA ILE A 121 -1.63 -8.50 -7.28
C ILE A 121 -2.18 -9.85 -7.80
N SER A 122 -2.59 -10.71 -6.87
CA SER A 122 -3.14 -12.02 -7.23
C SER A 122 -4.63 -12.18 -6.94
N GLY A 123 -5.29 -11.13 -6.44
CA GLY A 123 -6.71 -11.23 -6.11
C GLY A 123 -7.21 -10.04 -5.31
N PHE A 124 -8.51 -10.02 -5.04
CA PHE A 124 -9.15 -8.86 -4.40
C PHE A 124 -10.05 -9.23 -3.24
N PHE A 125 -10.33 -8.24 -2.39
CA PHE A 125 -11.31 -8.34 -1.34
C PHE A 125 -11.77 -6.91 -1.03
N GLY A 126 -12.88 -6.77 -0.31
CA GLY A 126 -13.35 -5.45 0.07
C GLY A 126 -14.82 -5.44 0.42
N ARG A 127 -15.49 -4.35 0.07
CA ARG A 127 -16.92 -4.17 0.34
C ARG A 127 -17.58 -3.53 -0.88
N GLY A 128 -18.83 -3.93 -1.14
CA GLY A 128 -19.58 -3.41 -2.28
C GLY A 128 -21.06 -3.44 -2.05
N GLY A 129 -21.77 -2.51 -2.70
CA GLY A 129 -23.22 -2.41 -2.65
C GLY A 129 -23.67 -2.12 -4.06
N ASP A 130 -24.24 -0.94 -4.29
CA ASP A 130 -24.50 -0.51 -5.67
C ASP A 130 -23.30 0.24 -6.24
N PHE A 131 -22.36 0.60 -5.36
CA PHE A 131 -21.06 1.12 -5.75
C PHE A 131 -19.98 0.29 -5.06
N ILE A 132 -18.71 0.50 -5.41
CA ILE A 132 -17.62 -0.21 -4.75
C ILE A 132 -17.15 0.57 -3.53
N ASP A 133 -17.63 0.14 -2.37
CA ASP A 133 -17.39 0.86 -1.12
C ASP A 133 -15.93 0.87 -0.73
N ALA A 134 -15.26 -0.26 -0.96
CA ALA A 134 -13.86 -0.45 -0.56
C ALA A 134 -13.24 -1.58 -1.35
N ILE A 135 -11.94 -1.46 -1.59
CA ILE A 135 -11.19 -2.46 -2.31
C ILE A 135 -9.88 -2.70 -1.60
N GLY A 136 -9.43 -3.95 -1.66
CA GLY A 136 -8.17 -4.36 -1.06
C GLY A 136 -7.61 -5.44 -1.93
N VAL A 137 -6.41 -5.93 -1.61
CA VAL A 137 -5.69 -6.71 -2.57
C VAL A 137 -4.84 -7.83 -1.92
N TYR A 138 -4.80 -9.00 -2.58
CA TYR A 138 -3.93 -10.09 -2.19
C TYR A 138 -2.60 -9.94 -2.91
N LEU A 139 -1.49 -10.17 -2.22
CA LEU A 139 -0.18 -10.05 -2.86
C LEU A 139 0.57 -11.36 -2.87
N GLU A 140 1.19 -11.67 -4.02
CA GLU A 140 1.99 -12.87 -4.21
C GLU A 140 3.40 -12.43 -4.60
N PRO A 141 4.43 -13.25 -4.35
CA PRO A 141 5.77 -12.90 -4.84
C PRO A 141 5.88 -12.98 -6.37
N ASN B 2 13.90 -12.48 -3.67
CA ASN B 2 13.92 -14.00 -3.75
C ASN B 2 12.63 -14.56 -3.10
N GLY B 3 11.49 -14.23 -3.70
CA GLY B 3 10.20 -14.49 -3.09
C GLY B 3 9.72 -13.28 -2.29
N ALA B 4 10.47 -12.19 -2.36
CA ALA B 4 10.19 -10.99 -1.58
C ALA B 4 8.96 -10.29 -2.11
N ILE B 5 8.24 -9.64 -1.19
CA ILE B 5 7.16 -8.74 -1.57
C ILE B 5 7.50 -7.39 -0.99
N LYS B 6 7.60 -6.40 -1.88
CA LYS B 6 7.99 -5.06 -1.48
C LYS B 6 6.99 -4.04 -2.01
N VAL B 7 6.37 -3.31 -1.10
CA VAL B 7 5.42 -2.29 -1.49
C VAL B 7 5.96 -0.91 -1.15
N GLY B 8 5.72 0.06 -2.06
CA GLY B 8 6.33 1.38 -2.00
C GLY B 8 7.37 1.50 -3.09
N ALA B 9 8.30 2.46 -2.95
CA ALA B 9 8.35 3.40 -1.85
C ALA B 9 7.43 4.59 -2.10
N TRP B 10 6.91 5.15 -1.01
CA TRP B 10 6.14 6.39 -1.08
C TRP B 10 7.07 7.55 -0.79
N GLY B 11 6.98 8.59 -1.60
CA GLY B 11 7.77 9.79 -1.41
C GLY B 11 8.35 10.29 -2.70
N GLY B 12 9.50 10.96 -2.62
CA GLY B 12 10.11 11.60 -3.77
C GLY B 12 11.23 10.77 -4.38
N ASN B 13 11.93 11.35 -5.34
CA ASN B 13 13.00 10.67 -6.06
C ASN B 13 14.37 11.22 -5.70
N GLY B 14 14.40 12.14 -4.74
CA GLY B 14 15.65 12.68 -4.22
C GLY B 14 16.42 11.69 -3.34
N GLY B 15 17.60 12.10 -2.91
CA GLY B 15 18.47 11.27 -2.08
C GLY B 15 18.98 10.02 -2.77
N SER B 16 19.62 9.14 -1.99
CA SER B 16 20.15 7.88 -2.51
C SER B 16 19.36 6.68 -2.01
N ALA B 17 19.24 5.66 -2.86
CA ALA B 17 18.55 4.42 -2.52
C ALA B 17 19.15 3.73 -1.31
N PHE B 18 18.29 3.20 -0.47
CA PHE B 18 18.66 2.29 0.62
C PHE B 18 17.69 1.12 0.63
N ASP B 19 18.14 -0.01 1.17
CA ASP B 19 17.37 -1.24 1.17
C ASP B 19 18.01 -2.15 2.20
N MET B 20 17.32 -2.38 3.31
CA MET B 20 17.89 -3.22 4.35
C MET B 20 17.61 -4.70 4.13
N GLY B 21 16.71 -5.02 3.20
CA GLY B 21 16.23 -6.38 3.02
C GLY B 21 15.31 -6.83 4.15
N PRO B 22 14.80 -8.07 4.08
CA PRO B 22 13.92 -8.54 5.14
C PRO B 22 14.73 -8.98 6.34
N ALA B 23 14.08 -9.06 7.51
CA ALA B 23 14.73 -9.52 8.71
C ALA B 23 14.00 -10.72 9.30
N TYR B 24 14.68 -11.44 10.20
CA TYR B 24 14.04 -12.48 11.01
C TYR B 24 13.12 -11.81 12.04
N ARG B 25 13.60 -10.69 12.59
CA ARG B 25 12.91 -10.00 13.69
C ARG B 25 13.33 -8.54 13.75
N ILE B 26 12.39 -7.65 13.42
CA ILE B 26 12.56 -6.24 13.76
C ILE B 26 12.41 -6.14 15.27
N ILE B 27 13.43 -5.60 15.93
CA ILE B 27 13.35 -5.42 17.38
C ILE B 27 12.78 -4.03 17.69
N SER B 28 13.23 -3.02 16.95
CA SER B 28 12.83 -1.66 17.22
C SER B 28 12.99 -0.78 16.00
N VAL B 29 12.11 0.21 15.92
CA VAL B 29 12.15 1.21 14.87
C VAL B 29 12.19 2.57 15.58
N LYS B 30 13.14 3.39 15.16
CA LYS B 30 13.37 4.69 15.76
C LYS B 30 13.16 5.74 14.66
N ILE B 31 12.06 6.49 14.74
CA ILE B 31 11.77 7.56 13.78
C ILE B 31 12.30 8.90 14.28
N PHE B 32 13.18 9.52 13.50
CA PHE B 32 13.74 10.84 13.82
C PHE B 32 12.94 11.89 13.08
N SER B 33 12.31 12.82 13.82
CA SER B 33 11.49 13.82 13.14
C SER B 33 11.50 15.20 13.79
N GLY B 34 11.12 16.19 12.99
CA GLY B 34 10.85 17.54 13.47
C GLY B 34 9.71 18.04 12.62
N ASP B 35 10.01 18.98 11.72
CA ASP B 35 9.08 19.48 10.71
C ASP B 35 8.62 18.35 9.81
N VAL B 36 9.50 17.38 9.67
CA VAL B 36 9.48 16.46 8.57
C VAL B 36 10.08 15.17 9.11
N VAL B 37 10.05 14.10 8.32
CA VAL B 37 10.71 12.89 8.78
C VAL B 37 12.16 12.93 8.34
N ASP B 38 13.04 13.07 9.32
CA ASP B 38 14.47 13.18 9.08
C ASP B 38 15.09 11.86 8.75
N ALA B 39 14.65 10.81 9.44
CA ALA B 39 15.30 9.50 9.33
C ALA B 39 14.63 8.40 10.12
N VAL B 40 15.15 7.20 9.94
CA VAL B 40 14.63 6.00 10.57
C VAL B 40 15.79 5.06 10.86
N ASP B 41 15.94 4.74 12.14
CA ASP B 41 16.84 3.68 12.55
C ASP B 41 16.01 2.43 12.77
N VAL B 42 16.51 1.31 12.28
CA VAL B 42 15.89 0.02 12.52
C VAL B 42 16.98 -0.88 13.07
N THR B 43 16.68 -1.52 14.21
CA THR B 43 17.57 -2.56 14.72
C THR B 43 16.87 -3.91 14.66
N PHE B 44 17.59 -4.91 14.15
CA PHE B 44 16.97 -6.16 13.77
C PHE B 44 17.99 -7.29 13.81
N THR B 45 17.50 -8.52 13.90
CA THR B 45 18.37 -9.70 13.82
C THR B 45 18.26 -10.33 12.42
N TYR B 46 19.43 -10.51 11.79
CA TYR B 46 19.52 -11.17 10.48
C TYR B 46 20.56 -12.28 10.56
N TYR B 47 20.09 -13.52 10.36
CA TYR B 47 20.94 -14.72 10.46
C TYR B 47 21.83 -14.69 11.70
N GLY B 48 21.19 -14.60 12.87
CA GLY B 48 21.90 -14.61 14.15
C GLY B 48 22.36 -13.24 14.61
N LYS B 49 22.88 -12.44 13.67
CA LYS B 49 23.47 -11.14 13.99
C LYS B 49 22.41 -10.07 14.20
N THR B 50 22.60 -9.23 15.22
CA THR B 50 21.69 -8.11 15.46
C THR B 50 22.32 -6.79 15.00
N GLU B 51 21.77 -6.21 13.95
CA GLU B 51 22.33 -5.02 13.32
C GLU B 51 21.45 -3.80 13.57
N THR B 52 22.03 -2.62 13.44
CA THR B 52 21.26 -1.38 13.31
C THR B 52 21.67 -0.70 12.02
N ARG B 53 20.69 -0.36 11.19
CA ARG B 53 20.94 0.45 10.00
C ARG B 53 20.37 1.86 10.20
N HIS B 54 21.03 2.86 9.61
CA HIS B 54 20.66 4.26 9.79
C HIS B 54 20.29 4.95 8.48
N PHE B 55 19.00 5.18 8.29
CA PHE B 55 18.49 5.70 7.04
C PHE B 55 18.09 7.16 7.14
N GLY B 56 18.15 7.89 6.03
CA GLY B 56 17.77 9.28 6.00
C GLY B 56 18.91 10.11 6.57
N GLY B 57 18.56 11.23 7.20
CA GLY B 57 19.54 12.15 7.78
C GLY B 57 19.56 12.09 9.30
N SER B 58 20.38 12.95 9.91
CA SER B 58 20.64 12.87 11.34
C SER B 58 19.96 13.96 12.21
N GLY B 59 19.09 14.76 11.60
CA GLY B 59 18.37 15.79 12.35
C GLY B 59 17.16 15.19 13.06
N GLY B 60 16.37 16.04 13.69
CA GLY B 60 15.11 15.62 14.31
C GLY B 60 15.23 14.95 15.66
N THR B 61 14.08 14.74 16.30
CA THR B 61 14.00 14.05 17.60
C THR B 61 13.65 12.58 17.41
N PRO B 62 14.36 11.68 18.12
CA PRO B 62 14.04 10.25 18.04
C PRO B 62 12.72 9.88 18.70
N HIS B 63 12.00 8.95 18.08
CA HIS B 63 10.80 8.33 18.66
C HIS B 63 10.91 6.83 18.45
N GLU B 64 11.11 6.10 19.55
CA GLU B 64 11.41 4.67 19.51
C GLU B 64 10.17 3.80 19.65
N ILE B 65 10.07 2.82 18.75
CA ILE B 65 9.04 1.79 18.84
C ILE B 65 9.73 0.48 19.19
N VAL B 66 9.64 0.06 20.45
CA VAL B 66 10.23 -1.21 20.85
C VAL B 66 9.19 -2.30 20.66
N LEU B 67 9.50 -3.30 19.84
CA LEU B 67 8.59 -4.42 19.64
C LEU B 67 8.73 -5.45 20.76
N GLN B 68 7.61 -5.71 21.43
CA GLN B 68 7.53 -6.72 22.48
C GLN B 68 7.45 -8.10 21.82
N GLU B 69 7.56 -9.16 22.64
CA GLU B 69 7.50 -10.53 22.13
C GLU B 69 6.11 -10.85 21.55
N GLY B 70 6.07 -11.14 20.25
CA GLY B 70 4.82 -11.42 19.55
C GLY B 70 4.08 -10.18 19.09
N GLU B 71 4.77 -9.05 19.11
CA GLU B 71 4.25 -7.81 18.55
C GLU B 71 4.90 -7.60 17.19
N TYR B 72 4.08 -7.31 16.18
CA TYR B 72 4.55 -7.12 14.82
C TYR B 72 4.02 -5.81 14.23
N LEU B 73 4.77 -5.26 13.27
CA LEU B 73 4.31 -4.08 12.54
C LEU B 73 3.28 -4.51 11.51
N VAL B 74 2.04 -4.04 11.67
CA VAL B 74 0.95 -4.43 10.76
C VAL B 74 0.33 -3.27 10.00
N GLY B 75 0.96 -2.09 10.08
CA GLY B 75 0.46 -0.92 9.38
C GLY B 75 1.45 0.21 9.30
N MET B 76 1.43 0.92 8.18
CA MET B 76 2.26 2.11 7.99
C MET B 76 1.44 3.14 7.23
N LYS B 77 1.54 4.38 7.68
CA LYS B 77 0.87 5.49 7.02
C LYS B 77 1.70 6.73 7.16
N GLY B 78 1.45 7.69 6.29
CA GLY B 78 2.12 8.97 6.40
C GLY B 78 1.62 9.92 5.35
N GLU B 79 2.45 10.94 5.11
CA GLU B 79 2.17 11.96 4.12
C GLU B 79 3.50 12.40 3.56
N PHE B 80 3.55 12.56 2.24
CA PHE B 80 4.73 13.12 1.61
C PHE B 80 4.35 14.40 0.87
N GLY B 81 5.30 15.31 0.79
CA GLY B 81 5.06 16.58 0.12
C GLY B 81 6.31 17.42 0.04
N ASN B 82 6.18 18.59 -0.57
CA ASN B 82 7.29 19.50 -0.76
C ASN B 82 7.69 20.14 0.56
N TYR B 83 8.95 19.97 0.94
CA TYR B 83 9.49 20.63 2.11
C TYR B 83 10.61 21.56 1.67
N HIS B 84 10.23 22.81 1.40
CA HIS B 84 11.14 23.86 0.94
C HIS B 84 12.08 23.39 -0.18
N GLY B 85 11.49 22.75 -1.20
CA GLY B 85 12.22 22.33 -2.41
C GLY B 85 12.26 20.82 -2.66
N VAL B 86 12.00 20.04 -1.63
CA VAL B 86 12.21 18.60 -1.69
C VAL B 86 10.97 17.80 -1.32
N VAL B 87 10.65 16.78 -2.13
CA VAL B 87 9.52 15.92 -1.83
C VAL B 87 9.99 14.82 -0.87
N VAL B 88 9.71 15.00 0.41
CA VAL B 88 10.11 14.05 1.44
C VAL B 88 8.89 13.60 2.21
N VAL B 89 9.03 12.50 2.94
CA VAL B 89 7.98 12.07 3.86
C VAL B 89 7.89 13.09 5.00
N GLY B 90 6.77 13.81 5.06
CA GLY B 90 6.57 14.89 6.03
C GLY B 90 5.88 14.43 7.30
N LYS B 91 5.26 13.26 7.24
CA LYS B 91 4.64 12.62 8.40
C LYS B 91 4.74 11.12 8.23
N LEU B 92 4.97 10.39 9.32
CA LEU B 92 5.16 8.93 9.25
C LEU B 92 4.67 8.25 10.53
N GLY B 93 3.90 7.19 10.35
CA GLY B 93 3.34 6.45 11.48
C GLY B 93 3.28 4.96 11.22
N PHE B 94 3.31 4.19 12.31
CA PHE B 94 3.20 2.74 12.25
C PHE B 94 2.15 2.27 13.25
N SER B 95 1.51 1.14 12.95
CA SER B 95 0.71 0.49 13.97
C SER B 95 1.11 -0.97 14.10
N THR B 96 0.97 -1.49 15.30
CA THR B 96 1.27 -2.89 15.58
C THR B 96 -0.04 -3.59 15.93
N ASN B 97 0.04 -4.89 16.23
CA ASN B 97 -1.12 -5.63 16.72
C ASN B 97 -1.51 -5.27 18.17
N LYS B 98 -0.68 -4.46 18.82
CA LYS B 98 -0.95 -4.00 20.17
C LYS B 98 -1.39 -2.54 20.20
N LYS B 99 -0.61 -1.67 19.56
CA LYS B 99 -0.75 -0.22 19.70
C LYS B 99 -0.41 0.52 18.41
N SER B 100 -0.95 1.73 18.29
CA SER B 100 -0.62 2.63 17.19
C SER B 100 0.47 3.61 17.63
N TYR B 101 1.38 3.94 16.71
CA TYR B 101 2.45 4.90 16.98
C TYR B 101 2.44 6.07 15.98
N GLY B 102 2.61 7.27 16.50
CA GLY B 102 2.66 8.47 15.67
C GLY B 102 1.30 9.04 15.32
N PRO B 103 1.20 9.69 14.14
CA PRO B 103 2.31 9.89 13.19
C PRO B 103 3.31 10.93 13.69
N PHE B 104 4.55 10.82 13.21
CA PHE B 104 5.63 11.73 13.58
C PHE B 104 5.97 12.62 12.39
N GLY B 105 6.21 13.89 12.67
CA GLY B 105 6.47 14.90 11.64
C GLY B 105 5.35 15.92 11.62
N ASN B 106 5.64 17.13 11.16
CA ASN B 106 4.65 18.21 11.18
C ASN B 106 4.29 18.83 9.82
N THR B 107 4.71 18.21 8.73
CA THR B 107 4.40 18.75 7.40
C THR B 107 3.36 17.91 6.66
N GLY B 108 2.20 18.51 6.41
CA GLY B 108 1.13 17.88 5.67
C GLY B 108 1.42 17.79 4.19
N GLY B 109 0.81 16.81 3.55
CA GLY B 109 1.04 16.53 2.14
C GLY B 109 0.14 15.41 1.64
N THR B 110 0.55 14.75 0.56
CA THR B 110 -0.27 13.70 -0.04
C THR B 110 -0.25 12.49 0.87
N PRO B 111 -1.42 12.11 1.41
CA PRO B 111 -1.44 10.96 2.31
C PRO B 111 -1.22 9.65 1.59
N PHE B 112 -0.60 8.70 2.29
CA PHE B 112 -0.59 7.32 1.86
C PHE B 112 -0.88 6.48 3.10
N SER B 113 -1.32 5.25 2.88
CA SER B 113 -1.72 4.37 3.96
C SER B 113 -1.57 2.91 3.52
N LEU B 114 -0.99 2.11 4.41
CA LEU B 114 -0.85 0.68 4.16
C LEU B 114 -1.40 -0.11 5.32
N PRO B 115 -2.73 -0.36 5.33
CA PRO B 115 -3.24 -1.30 6.32
C PRO B 115 -3.00 -2.73 5.84
N ILE B 116 -2.53 -3.58 6.74
CA ILE B 116 -2.22 -4.95 6.40
C ILE B 116 -3.23 -5.83 7.15
N ALA B 117 -4.16 -6.42 6.40
CA ALA B 117 -5.19 -7.26 7.00
C ALA B 117 -4.64 -8.67 7.31
N ALA B 118 -3.67 -9.11 6.53
CA ALA B 118 -2.96 -10.36 6.80
C ALA B 118 -1.49 -10.20 6.43
N GLY B 119 -0.61 -10.43 7.38
CA GLY B 119 0.82 -10.27 7.16
C GLY B 119 1.44 -9.22 8.05
N LYS B 120 2.72 -8.96 7.84
CA LYS B 120 3.44 -8.02 8.68
C LYS B 120 4.61 -7.43 7.93
N ILE B 121 5.17 -6.37 8.48
CA ILE B 121 6.32 -5.71 7.90
C ILE B 121 7.59 -6.40 8.37
N SER B 122 8.46 -6.76 7.44
CA SER B 122 9.68 -7.50 7.80
C SER B 122 10.98 -6.75 7.52
N GLY B 123 10.89 -5.60 6.88
CA GLY B 123 12.07 -4.84 6.50
C GLY B 123 11.70 -3.57 5.78
N PHE B 124 12.71 -2.78 5.43
CA PHE B 124 12.51 -1.46 4.83
C PHE B 124 13.40 -1.20 3.64
N PHE B 125 12.92 -0.34 2.76
CA PHE B 125 13.75 0.25 1.70
C PHE B 125 13.23 1.64 1.45
N GLY B 126 13.94 2.39 0.62
CA GLY B 126 13.51 3.73 0.23
C GLY B 126 14.62 4.60 -0.30
N ARG B 127 14.48 5.90 -0.09
CA ARG B 127 15.52 6.87 -0.47
C ARG B 127 15.72 7.87 0.67
N GLY B 128 16.98 8.21 0.92
CA GLY B 128 17.34 9.12 1.99
C GLY B 128 18.41 10.10 1.55
N GLY B 129 18.34 11.31 2.09
CA GLY B 129 19.37 12.33 1.91
C GLY B 129 19.53 13.12 3.18
N ASP B 130 19.21 14.41 3.12
CA ASP B 130 19.07 15.23 4.32
C ASP B 130 17.89 14.73 5.18
N PHE B 131 16.85 14.18 4.53
CA PHE B 131 15.66 13.66 5.22
C PHE B 131 15.19 12.32 4.61
N ILE B 132 14.10 11.73 5.12
CA ILE B 132 13.51 10.54 4.47
C ILE B 132 12.74 10.95 3.21
N ASP B 133 13.41 10.87 2.07
CA ASP B 133 12.79 11.18 0.78
C ASP B 133 11.63 10.23 0.46
N ALA B 134 11.81 8.95 0.77
CA ALA B 134 10.84 7.92 0.43
C ALA B 134 11.02 6.68 1.30
N ILE B 135 9.92 6.01 1.61
CA ILE B 135 9.99 4.79 2.39
C ILE B 135 9.07 3.70 1.82
N GLY B 136 9.52 2.46 1.95
CA GLY B 136 8.82 1.30 1.44
C GLY B 136 9.08 0.16 2.38
N VAL B 137 8.40 -0.96 2.17
CA VAL B 137 8.32 -1.95 3.21
C VAL B 137 8.31 -3.36 2.61
N TYR B 138 8.99 -4.28 3.27
CA TYR B 138 8.93 -5.72 2.93
C TYR B 138 7.78 -6.36 3.69
N LEU B 139 7.04 -7.24 3.02
CA LEU B 139 5.92 -7.97 3.67
C LEU B 139 6.13 -9.47 3.69
N GLU B 140 5.67 -10.11 4.76
CA GLU B 140 5.67 -11.57 4.88
C GLU B 140 4.45 -11.98 5.71
N PRO B 141 4.02 -13.26 5.63
CA PRO B 141 2.86 -13.72 6.38
C PRO B 141 3.00 -13.51 7.87
C1 MAN C . -28.99 4.78 -1.77
C2 MAN C . -27.77 3.88 -1.52
C3 MAN C . -27.99 2.85 -0.39
C4 MAN C . -28.56 3.55 0.86
C5 MAN C . -29.75 4.48 0.54
C6 MAN C . -30.26 5.24 1.77
O1 MAN C . -30.06 4.05 -2.41
O2 MAN C . -26.67 4.73 -1.16
O3 MAN C . -26.75 2.21 -0.05
O4 MAN C . -28.94 2.59 1.85
O5 MAN C . -29.44 5.39 -0.54
O6 MAN C . -29.55 6.47 2.00
C1 MAN C . -26.40 0.95 -0.64
C2 MAN C . -26.09 -0.06 0.47
C3 MAN C . -24.96 0.47 1.35
C4 MAN C . -23.72 0.81 0.54
C5 MAN C . -24.09 1.65 -0.69
C6 MAN C . -22.89 1.93 -1.60
O2 MAN C . -25.70 -1.33 -0.09
O3 MAN C . -24.66 -0.46 2.40
O4 MAN C . -22.84 1.56 1.36
O5 MAN C . -25.20 1.07 -1.41
O6 MAN C . -22.42 0.73 -2.23
C1 MAN D . 15.31 24.55 9.12
C2 MAN D . 14.84 23.30 9.90
C3 MAN D . 14.10 23.54 11.23
C4 MAN D . 14.38 24.91 11.88
C5 MAN D . 14.76 26.02 10.88
C6 MAN D . 15.20 27.37 11.47
O1 MAN D . 14.26 25.07 8.27
O2 MAN D . 15.99 22.48 10.13
O3 MAN D . 14.50 22.47 12.13
O4 MAN D . 13.22 25.33 12.60
O5 MAN D . 15.81 25.55 10.01
O6 MAN D . 14.79 27.53 12.84
C1 MAN D . 13.53 21.52 12.62
C2 MAN D . 14.15 20.68 13.74
C3 MAN D . 15.27 19.78 13.21
C4 MAN D . 14.83 18.93 12.02
C5 MAN D . 14.04 19.76 10.99
C6 MAN D . 13.37 18.87 9.94
O2 MAN D . 13.16 19.85 14.36
O3 MAN D . 15.74 18.91 14.25
O4 MAN D . 15.99 18.41 11.38
O5 MAN D . 13.06 20.60 11.62
O6 MAN D . 12.55 17.87 10.54
C1 MAN E . -23.16 8.43 -13.49
C2 MAN E . -23.54 7.26 -14.41
C3 MAN E . -24.09 6.04 -13.65
C4 MAN E . -23.33 5.73 -12.38
C5 MAN E . -23.07 6.99 -11.55
C6 MAN E . -22.21 6.70 -10.31
O1 MAN E . -24.29 9.20 -13.10
O2 MAN E . -22.43 6.89 -15.19
O3 MAN E . -24.06 4.89 -14.47
O4 MAN E . -24.08 4.78 -11.63
O5 MAN E . -22.43 7.98 -12.35
O6 MAN E . -20.88 6.37 -10.68
C1 MAN F . -15.92 7.63 -16.24
C2 MAN F . -16.09 7.49 -17.75
C3 MAN F . -14.81 7.09 -18.47
C4 MAN F . -13.66 7.98 -17.99
C5 MAN F . -13.47 7.69 -16.50
C6 MAN F . -12.26 8.43 -15.93
O1 MAN F . -16.27 6.41 -15.63
O2 MAN F . -16.58 8.71 -18.28
O3 MAN F . -14.96 7.18 -19.86
O4 MAN F . -12.48 7.75 -18.74
O5 MAN F . -14.63 8.04 -15.76
O6 MAN F . -12.56 9.79 -15.73
O1 HEZ G . -15.34 -23.28 -9.19
C1 HEZ G . -15.22 -23.24 -7.76
C2 HEZ G . -15.24 -21.79 -7.29
C3 HEZ G . -14.20 -21.53 -6.22
C4 HEZ G . -13.38 -20.28 -6.56
C5 HEZ G . -12.94 -19.57 -5.28
C6 HEZ G . -12.42 -18.18 -5.61
O6 HEZ G . -13.31 -17.17 -5.09
O1 HEZ H . 1.45 4.87 -7.33
C1 HEZ H . 0.88 3.56 -7.37
C2 HEZ H . 0.72 3.12 -8.82
C3 HEZ H . -0.70 2.63 -9.09
C4 HEZ H . -1.10 2.78 -10.55
C5 HEZ H . -1.38 4.22 -10.93
C6 HEZ H . -1.96 4.32 -12.34
O6 HEZ H . -3.23 4.97 -12.28
ZN ZN I . -20.39 -8.01 -13.90
C1 MAN J . 19.69 16.49 0.16
C2 MAN J . 19.96 15.79 -1.17
C3 MAN J . 18.70 15.66 -2.01
C4 MAN J . 17.58 15.03 -1.18
C5 MAN J . 17.38 15.83 0.11
C6 MAN J . 16.26 15.28 1.00
O1 MAN J . 19.45 17.88 0.00
O2 MAN J . 20.45 14.48 -0.92
O3 MAN J . 18.97 14.86 -3.15
O4 MAN J . 16.40 15.00 -1.97
O5 MAN J . 18.61 15.86 0.83
O6 MAN J . 16.73 14.26 1.87
C1 MAN K . 8.36 16.49 18.57
C2 MAN K . 8.84 16.33 17.13
C3 MAN K . 7.69 16.00 16.17
C4 MAN K . 6.77 14.90 16.71
C5 MAN K . 6.45 15.10 18.19
C6 MAN K . 5.72 13.90 18.78
O1 MAN K . 7.59 17.67 18.75
O2 MAN K . 9.81 15.30 17.09
O3 MAN K . 8.18 15.63 14.88
O4 MAN K . 5.58 14.89 15.94
O5 MAN K . 7.64 15.33 18.96
O6 MAN K . 4.39 14.27 19.04
O1 HEZ L . -0.61 5.64 13.13
C1 HEZ L . -0.60 5.16 11.78
C2 HEZ L . -1.05 3.70 11.75
C3 HEZ L . -0.87 3.10 10.37
C4 HEZ L . -2.02 2.16 10.02
C5 HEZ L . -2.52 2.39 8.60
C6 HEZ L . -4.01 2.04 8.50
O6 HEZ L . -4.69 2.99 7.65
ZN ZN M . 20.72 6.65 13.34
ZN ZN N . 9.45 27.30 1.66
#